data_4HWM
#
_entry.id   4HWM
#
_cell.length_a   39.810
_cell.length_b   51.067
_cell.length_c   52.436
_cell.angle_alpha   90.000
_cell.angle_beta   90.000
_cell.angle_gamma   90.000
#
_symmetry.space_group_name_H-M   'P 21 21 21'
#
loop_
_entity.id
_entity.type
_entity.pdbx_description
1 polymer 'Uncharacterized protein yedD'
2 water water
#
_entity_poly.entity_id   1
_entity_poly.type   'polypeptide(L)'
_entity_poly.pdbx_seq_one_letter_code
;GGCVQVDRYEDVVKAPAPAGLAGFWQTKGPQSA(MSE)(MSE)SPDAIASLIVTKEGDTFDCRQWQRVIAQPGKL(MSE)
NRDSEIYNVTASLDIYPVEREGNTISYDR(MSE)TLSRVERLTPECEKAWAKARATGPVSAPASTR
;
_entity_poly.pdbx_strand_id   A
#
# COMPACT_ATOMS: atom_id res chain seq x y z
N ASP A 7 4.85 -20.44 8.56
CA ASP A 7 4.70 -19.07 9.07
C ASP A 7 3.24 -18.55 8.93
N ARG A 8 2.79 -17.86 9.98
CA ARG A 8 1.46 -17.28 10.04
C ARG A 8 1.60 -15.79 9.89
N TYR A 9 0.62 -15.16 9.23
CA TYR A 9 0.59 -13.69 9.19
C TYR A 9 0.63 -13.02 10.54
N GLU A 10 -0.05 -13.61 11.53
CA GLU A 10 -0.15 -13.04 12.87
C GLU A 10 1.20 -12.96 13.55
N ASP A 11 2.12 -13.82 13.13
CA ASP A 11 3.44 -13.93 13.76
C ASP A 11 4.50 -13.12 13.03
N VAL A 12 4.14 -12.49 11.91
CA VAL A 12 5.07 -11.68 11.15
C VAL A 12 5.43 -10.46 11.94
N VAL A 13 6.76 -10.23 11.97
CA VAL A 13 7.37 -9.09 12.64
C VAL A 13 7.26 -7.83 11.76
N LYS A 14 6.41 -6.93 12.21
CA LYS A 14 6.05 -5.73 11.43
C LYS A 14 7.20 -4.73 11.51
N ALA A 15 7.75 -4.35 10.36
CA ALA A 15 8.89 -3.43 10.30
C ALA A 15 8.39 -1.99 10.23
N PRO A 16 8.94 -1.07 11.05
CA PRO A 16 8.67 0.33 10.87
C PRO A 16 9.07 0.82 9.47
N ALA A 17 8.32 1.77 8.94
CA ALA A 17 8.63 2.29 7.61
C ALA A 17 10.00 2.98 7.65
N PRO A 18 10.90 2.62 6.71
CA PRO A 18 12.12 3.46 6.59
C PRO A 18 11.78 4.89 6.25
N ALA A 19 12.68 5.81 6.61
CA ALA A 19 12.46 7.21 6.34
C ALA A 19 12.11 7.45 4.87
N GLY A 20 11.02 8.19 4.66
CA GLY A 20 10.58 8.57 3.34
C GLY A 20 9.50 7.68 2.73
N LEU A 21 9.27 6.50 3.31
CA LEU A 21 8.32 5.53 2.74
C LEU A 21 6.91 5.71 3.27
N ALA A 22 6.75 6.14 4.51
CA ALA A 22 5.42 6.32 5.07
C ALA A 22 4.67 7.34 4.25
N GLY A 23 3.41 7.03 3.92
CA GLY A 23 2.60 7.94 3.11
C GLY A 23 1.52 7.20 2.36
N PHE A 24 0.90 7.96 1.47
CA PHE A 24 -0.02 7.46 0.47
C PHE A 24 0.69 7.44 -0.89
N TRP A 25 0.53 6.34 -1.61
CA TRP A 25 1.13 6.14 -2.92
C TRP A 25 0.04 5.74 -3.88
N GLN A 26 0.05 6.28 -5.10
CA GLN A 26 -1.02 5.99 -6.07
CA GLN A 26 -1.01 5.98 -6.07
C GLN A 26 -0.44 6.03 -7.47
N THR A 27 -0.90 5.12 -8.32
CA THR A 27 -0.52 5.14 -9.73
C THR A 27 -1.10 6.42 -10.37
N LYS A 28 -0.33 7.07 -11.22
CA LYS A 28 -0.73 8.36 -11.82
CA LYS A 28 -0.73 8.36 -11.82
C LYS A 28 -1.12 8.26 -13.29
N GLY A 29 -0.98 7.09 -13.87
CA GLY A 29 -1.33 6.86 -15.25
C GLY A 29 -1.48 5.38 -15.47
N PRO A 30 -1.73 5.00 -16.72
CA PRO A 30 -1.98 3.59 -17.04
C PRO A 30 -0.81 2.70 -16.65
N GLN A 31 -1.13 1.56 -16.05
CA GLN A 31 -0.16 0.54 -15.67
C GLN A 31 -0.42 -0.71 -16.49
N SER A 32 0.60 -1.17 -17.23
CA SER A 32 0.42 -2.32 -18.13
C SER A 32 0.06 -3.61 -17.39
N ALA A 33 0.42 -3.69 -16.09
CA ALA A 33 0.10 -4.84 -15.26
C ALA A 33 -1.39 -4.97 -14.93
N SER A 36 -6.88 -2.54 -17.21
CA SER A 36 -7.19 -1.53 -18.19
C SER A 36 -6.49 -0.21 -17.82
N PRO A 37 -6.25 0.69 -18.80
CA PRO A 37 -5.53 1.92 -18.50
C PRO A 37 -6.11 2.81 -17.40
N ASP A 38 -7.42 2.78 -17.18
CA ASP A 38 -8.00 3.61 -16.12
C ASP A 38 -7.97 2.98 -14.73
N ALA A 39 -7.52 1.73 -14.64
CA ALA A 39 -7.38 1.09 -13.34
C ALA A 39 -6.34 1.86 -12.51
N ILE A 40 -6.56 1.90 -11.20
CA ILE A 40 -5.73 2.63 -10.25
C ILE A 40 -5.30 1.66 -9.15
N ALA A 41 -4.04 1.74 -8.75
CA ALA A 41 -3.56 1.07 -7.55
C ALA A 41 -3.02 2.08 -6.56
N SER A 42 -3.25 1.79 -5.29
CA SER A 42 -2.80 2.63 -4.19
C SER A 42 -2.17 1.76 -3.10
N LEU A 43 -1.23 2.35 -2.39
CA LEU A 43 -0.60 1.69 -1.24
C LEU A 43 -0.49 2.72 -0.12
N ILE A 44 -1.05 2.38 1.03
CA ILE A 44 -0.86 3.14 2.28
C ILE A 44 0.26 2.48 3.06
N VAL A 45 1.20 3.29 3.56
CA VAL A 45 2.24 2.78 4.46
C VAL A 45 2.23 3.69 5.69
N THR A 46 1.89 3.14 6.85
CA THR A 46 1.91 3.95 8.09
C THR A 46 3.33 3.98 8.65
N LYS A 47 3.58 4.91 9.57
CA LYS A 47 4.93 4.98 10.14
CA LYS A 47 4.88 5.02 10.25
C LYS A 47 5.30 3.68 10.86
N GLU A 48 4.33 3.03 11.48
CA GLU A 48 4.57 1.78 12.20
C GLU A 48 4.73 0.57 11.29
N GLY A 49 4.46 0.72 9.99
CA GLY A 49 4.63 -0.39 9.06
C GLY A 49 3.37 -1.16 8.72
N ASP A 50 2.20 -0.65 9.11
CA ASP A 50 0.95 -1.23 8.59
C ASP A 50 0.77 -0.73 7.16
N THR A 51 0.18 -1.57 6.32
CA THR A 51 -0.04 -1.20 4.94
C THR A 51 -1.44 -1.50 4.48
N PHE A 52 -1.78 -0.96 3.33
CA PHE A 52 -3.08 -1.20 2.71
C PHE A 52 -2.92 -1.10 1.21
N ASP A 53 -3.22 -2.19 0.51
CA ASP A 53 -3.03 -2.30 -0.95
C ASP A 53 -4.43 -2.28 -1.55
N CYS A 54 -4.77 -1.20 -2.28
CA CYS A 54 -6.15 -0.99 -2.76
C CYS A 54 -6.09 -0.74 -4.25
N ARG A 55 -6.74 -1.59 -5.01
CA ARG A 55 -6.72 -1.49 -6.47
C ARG A 55 -8.14 -1.44 -6.96
N GLN A 56 -8.41 -0.65 -7.99
CA GLN A 56 -9.76 -0.42 -8.42
C GLN A 56 -9.86 -0.22 -9.92
N TRP A 57 -10.94 -0.74 -10.47
CA TRP A 57 -11.37 -0.37 -11.80
C TRP A 57 -12.89 -0.55 -11.84
N GLN A 58 -13.38 -1.67 -12.36
CA GLN A 58 -14.81 -1.97 -12.28
C GLN A 58 -15.21 -2.39 -10.87
N ARG A 59 -14.27 -3.00 -10.15
CA ARG A 59 -14.43 -3.36 -8.76
C ARG A 59 -13.19 -2.96 -7.99
N VAL A 60 -13.33 -2.92 -6.68
CA VAL A 60 -12.24 -2.64 -5.75
C VAL A 60 -11.78 -3.94 -5.11
N ILE A 61 -10.47 -4.09 -4.99
CA ILE A 61 -9.88 -5.17 -4.22
C ILE A 61 -8.86 -4.49 -3.30
N ALA A 62 -9.06 -4.66 -2.01
CA ALA A 62 -8.21 -4.03 -1.02
C ALA A 62 -7.77 -5.05 0.05
N GLN A 63 -6.52 -4.95 0.47
CA GLN A 63 -5.94 -5.91 1.42
C GLN A 63 -5.01 -5.22 2.38
N PRO A 64 -5.26 -5.36 3.69
CA PRO A 64 -4.29 -4.92 4.67
C PRO A 64 -3.01 -5.76 4.59
N GLY A 65 -1.89 -5.21 5.09
CA GLY A 65 -0.63 -5.94 5.16
C GLY A 65 0.31 -5.30 6.18
N LYS A 66 1.54 -5.79 6.16
CA LYS A 66 2.59 -5.35 7.06
C LYS A 66 3.88 -5.28 6.31
N LEU A 67 4.72 -4.29 6.60
CA LEU A 67 6.09 -4.30 6.08
C LEU A 67 6.92 -5.34 6.83
N ASN A 69 11.17 -6.60 6.94
CA ASN A 69 12.55 -6.43 6.55
C ASN A 69 13.14 -7.85 6.46
N ARG A 70 13.60 -8.22 5.26
CA ARG A 70 14.32 -9.48 5.07
C ARG A 70 15.63 -9.17 4.35
N ASP A 71 16.75 -9.47 5.00
CA ASP A 71 18.07 -9.24 4.44
C ASP A 71 18.22 -7.79 3.95
N SER A 72 17.84 -6.86 4.83
CA SER A 72 17.93 -5.41 4.62
C SER A 72 17.05 -4.83 3.48
N GLU A 73 16.16 -5.65 2.91
CA GLU A 73 15.26 -5.19 1.86
C GLU A 73 13.86 -5.17 2.44
N ILE A 74 13.06 -4.22 1.95
CA ILE A 74 11.68 -4.02 2.43
C ILE A 74 10.66 -4.71 1.51
N TYR A 75 9.75 -5.41 2.16
CA TYR A 75 8.62 -6.09 1.50
C TYR A 75 7.30 -5.71 2.15
N ASN A 76 6.24 -5.68 1.35
CA ASN A 76 4.89 -5.72 1.87
C ASN A 76 4.43 -7.17 1.95
N VAL A 77 3.94 -7.59 3.12
CA VAL A 77 3.34 -8.91 3.32
C VAL A 77 1.86 -8.72 3.57
N THR A 78 1.00 -9.18 2.66
CA THR A 78 -0.43 -8.96 2.85
C THR A 78 -0.98 -9.98 3.81
N ALA A 79 -2.21 -9.74 4.27
CA ALA A 79 -2.89 -10.64 5.22
C ALA A 79 -3.14 -12.04 4.64
N SER A 80 -3.06 -12.17 3.30
CA SER A 80 -3.13 -13.47 2.62
CA SER A 80 -3.14 -13.46 2.61
C SER A 80 -1.74 -14.05 2.32
N LEU A 81 -0.69 -13.39 2.82
CA LEU A 81 0.70 -13.81 2.67
C LEU A 81 1.27 -13.67 1.25
N ASP A 82 0.73 -12.76 0.46
CA ASP A 82 1.45 -12.30 -0.73
C ASP A 82 2.64 -11.47 -0.21
N ILE A 83 3.80 -11.62 -0.84
CA ILE A 83 5.02 -10.90 -0.47
C ILE A 83 5.55 -10.12 -1.66
N TYR A 84 5.66 -8.80 -1.51
CA TYR A 84 6.02 -7.92 -2.59
C TYR A 84 7.14 -6.97 -2.18
N PRO A 85 8.26 -7.01 -2.91
CA PRO A 85 9.30 -6.03 -2.63
C PRO A 85 8.84 -4.62 -2.96
N VAL A 86 9.24 -3.68 -2.12
CA VAL A 86 8.94 -2.26 -2.31
C VAL A 86 10.26 -1.51 -2.43
N GLU A 87 10.44 -0.81 -3.54
CA GLU A 87 11.66 -0.01 -3.72
CA GLU A 87 11.66 -0.03 -3.79
C GLU A 87 11.25 1.43 -3.96
N ARG A 88 11.86 2.35 -3.24
CA ARG A 88 11.54 3.74 -3.35
C ARG A 88 12.67 4.53 -4.02
N GLU A 89 12.28 5.47 -4.88
CA GLU A 89 13.17 6.51 -5.38
CA GLU A 89 13.15 6.48 -5.45
C GLU A 89 12.45 7.85 -5.34
N GLY A 90 12.72 8.61 -4.28
CA GLY A 90 12.12 9.90 -4.11
C GLY A 90 10.61 9.77 -3.93
N ASN A 91 9.87 10.41 -4.83
CA ASN A 91 8.39 10.42 -4.79
C ASN A 91 7.73 9.33 -5.62
N THR A 92 8.49 8.30 -5.97
CA THR A 92 7.92 7.12 -6.61
C THR A 92 8.40 5.84 -5.95
N ILE A 93 7.51 4.85 -5.95
CA ILE A 93 7.85 3.50 -5.57
C ILE A 93 7.60 2.51 -6.70
N SER A 94 8.42 1.46 -6.72
CA SER A 94 8.18 0.28 -7.53
CA SER A 94 8.15 0.29 -7.54
CA SER A 94 8.15 0.28 -7.54
C SER A 94 7.49 -0.74 -6.63
N TYR A 95 6.32 -1.23 -7.05
CA TYR A 95 5.54 -2.12 -6.23
C TYR A 95 4.70 -3.02 -7.12
N ASP A 96 4.89 -4.32 -6.96
CA ASP A 96 4.15 -5.34 -7.70
C ASP A 96 4.01 -5.01 -9.20
N ARG A 97 5.12 -4.68 -9.83
CA ARG A 97 5.19 -4.46 -11.27
C ARG A 97 4.51 -3.17 -11.74
N THR A 99 4.30 1.38 -10.93
CA THR A 99 4.96 2.57 -10.40
C THR A 99 3.90 3.42 -9.75
N LEU A 100 4.11 3.75 -8.47
CA LEU A 100 3.17 4.57 -7.71
C LEU A 100 3.88 5.85 -7.25
N SER A 101 3.13 6.94 -7.24
CA SER A 101 3.64 8.25 -6.86
C SER A 101 3.09 8.70 -5.53
N ARG A 102 3.88 9.45 -4.79
CA ARG A 102 3.41 9.99 -3.52
C ARG A 102 2.27 10.99 -3.73
N VAL A 103 1.20 10.83 -2.94
CA VAL A 103 0.02 11.71 -3.01
C VAL A 103 -0.41 12.10 -1.59
N GLU A 104 -1.16 13.21 -1.48
CA GLU A 104 -1.61 13.70 -0.17
CA GLU A 104 -1.61 13.70 -0.17
C GLU A 104 -2.94 13.07 0.23
N ARG A 105 -3.68 12.58 -0.77
CA ARG A 105 -4.99 11.99 -0.53
CA ARG A 105 -5.07 12.07 -0.65
C ARG A 105 -5.27 10.83 -1.50
N LEU A 106 -5.92 9.80 -0.96
CA LEU A 106 -6.26 8.69 -1.87
CA LEU A 106 -6.33 8.61 -1.65
C LEU A 106 -7.67 8.85 -2.40
N THR A 107 -8.06 7.95 -3.30
CA THR A 107 -9.45 7.94 -3.80
C THR A 107 -10.40 7.72 -2.64
N PRO A 108 -11.64 8.24 -2.74
CA PRO A 108 -12.57 8.05 -1.66
C PRO A 108 -12.81 6.58 -1.32
N GLU A 109 -12.80 5.73 -2.33
CA GLU A 109 -13.13 4.37 -2.00
CA GLU A 109 -12.93 4.26 -2.25
C GLU A 109 -11.95 3.68 -1.28
N CYS A 110 -10.70 4.05 -1.55
CA CYS A 110 -9.57 3.54 -0.79
CA CYS A 110 -9.65 3.47 -0.76
C CYS A 110 -9.61 4.09 0.64
N GLU A 111 -9.90 5.38 0.76
CA GLU A 111 -10.02 6.01 2.09
CA GLU A 111 -9.98 6.04 2.07
C GLU A 111 -11.06 5.31 2.95
N LYS A 112 -12.23 5.05 2.35
CA LYS A 112 -13.33 4.40 3.09
CA LYS A 112 -13.33 4.40 3.09
C LYS A 112 -12.99 2.96 3.48
N ALA A 113 -12.41 2.23 2.55
CA ALA A 113 -12.05 0.83 2.80
C ALA A 113 -10.99 0.75 3.91
N TRP A 114 -10.04 1.68 3.90
CA TRP A 114 -8.99 1.74 4.92
C TRP A 114 -9.58 2.04 6.29
N ALA A 115 -10.46 3.04 6.36
CA ALA A 115 -11.04 3.40 7.65
C ALA A 115 -11.83 2.20 8.23
N LYS A 116 -12.50 1.48 7.36
CA LYS A 116 -13.32 0.32 7.73
CA LYS A 116 -13.32 0.36 7.82
C LYS A 116 -12.45 -0.82 8.28
N ALA A 117 -11.36 -1.09 7.58
CA ALA A 117 -10.44 -2.13 7.98
C ALA A 117 -9.84 -1.78 9.34
N ARG A 118 -9.36 -0.55 9.44
CA ARG A 118 -8.71 -0.08 10.66
C ARG A 118 -9.61 -0.11 11.89
N ALA A 119 -10.92 -0.01 11.68
CA ALA A 119 -11.87 0.06 12.79
C ALA A 119 -11.90 -1.22 13.62
N THR A 120 -11.52 -2.35 13.03
CA THR A 120 -11.46 -3.62 13.74
C THR A 120 -10.09 -3.88 14.35
N GLY A 121 -9.09 -3.08 14.00
CA GLY A 121 -7.74 -3.24 14.55
C GLY A 121 -7.63 -2.50 15.84
N PRO A 122 -6.40 -2.43 16.39
CA PRO A 122 -6.17 -1.74 17.66
C PRO A 122 -6.28 -0.23 17.56
N VAL A 123 -6.47 0.43 18.70
CA VAL A 123 -6.54 1.90 18.75
C VAL A 123 -5.15 2.54 18.50
#